data_3SPC
#
_entry.id   3SPC
#
_cell.length_a   82.904
_cell.length_b   82.904
_cell.length_c   191.159
_cell.angle_alpha   90.00
_cell.angle_beta   90.00
_cell.angle_gamma   90.00
#
_symmetry.space_group_name_H-M   'I 4'
#
loop_
_entity.id
_entity.type
_entity.pdbx_description
1 polymer 'Inward-rectifier K+ channel Kir2.2'
2 non-polymer 'POTASSIUM ION'
3 non-polymer '(2R)-3-{[(R)-hydroxy(phosphonooxy)phosphoryl]oxy}propane-1,2-diyl dioctanoate'
4 water water
#
_entity_poly.entity_id   1
_entity_poly.type   'polypeptide(L)'
_entity_poly.pdbx_seq_one_letter_code
;MARRKCRNRFVKKNGQCNVEFTNMDDKPQRYIADMFTTCVDIRWRYMLLLFSLAFLVSWLLFGLIFWLIALIHGDLENPG
GDDTFKPCVLQVNGFVAAFLFSIETQTTIGYGFRCVTEECPLAVFMVVVQSIVGCIIDSFMIGAIMAKMARPKKRAQTLL
FSHNAVVAMRDGKLCLMWRVGNLRKSHIVEAHVRAQLIKPRITEEGEYIPLDQIDIDVGFDKGLDRIFLVSPITILHEIN
EDSPLFGISRQDLETDDFEIVVILEGMVEATAMTTQARSSYLASEILWGHRFEPVLFEEKNQYKVDYSHFHKTYEVPSTP
RCSAKDLVENKFLLSNSLEVLFQ
;
_entity_poly.pdbx_strand_id   A
#
loop_
_chem_comp.id
_chem_comp.type
_chem_comp.name
_chem_comp.formula
K non-polymer 'POTASSIUM ION' 'K 1'
P8P non-polymer '(2R)-3-{[(R)-hydroxy(phosphonooxy)phosphoryl]oxy}propane-1,2-diyl dioctanoate' 'C19 H38 O11 P2'
#
# COMPACT_ATOMS: atom_id res chain seq x y z
N CYS A 6 8.28 -14.74 24.32
CA CYS A 6 8.05 -15.84 23.40
C CYS A 6 6.61 -15.88 22.91
N ARG A 7 5.81 -14.88 23.32
CA ARG A 7 4.39 -14.86 22.99
C ARG A 7 4.13 -14.93 21.49
N ASN A 8 4.35 -13.81 20.81
CA ASN A 8 4.27 -13.76 19.35
C ASN A 8 4.36 -12.34 18.80
N ARG A 9 4.54 -12.22 17.49
CA ARG A 9 4.71 -10.93 16.84
C ARG A 9 3.37 -10.38 16.32
N PHE A 10 2.94 -9.23 16.83
CA PHE A 10 1.70 -8.60 16.37
C PHE A 10 1.93 -7.87 15.06
N VAL A 11 3.03 -7.14 14.97
CA VAL A 11 3.42 -6.45 13.76
C VAL A 11 4.84 -6.89 13.39
N LYS A 12 5.04 -7.25 12.12
CA LYS A 12 6.36 -7.68 11.67
C LYS A 12 7.32 -6.51 11.53
N LYS A 13 8.62 -6.80 11.54
CA LYS A 13 9.64 -5.78 11.39
C LYS A 13 9.39 -4.91 10.16
N ASN A 14 8.86 -5.52 9.10
CA ASN A 14 8.65 -4.83 7.83
C ASN A 14 7.31 -4.07 7.76
N GLY A 15 6.58 -4.08 8.87
CA GLY A 15 5.34 -3.32 8.96
C GLY A 15 4.09 -4.17 8.75
N GLN A 16 4.26 -5.32 8.12
CA GLN A 16 3.13 -6.21 7.88
C GLN A 16 2.47 -6.61 9.19
N CYS A 17 1.15 -6.61 9.22
CA CYS A 17 0.43 -7.04 10.42
C CYS A 17 0.21 -8.54 10.43
N ASN A 18 0.38 -9.13 11.60
CA ASN A 18 0.44 -10.58 11.77
C ASN A 18 -0.90 -11.27 12.03
N VAL A 19 -1.99 -10.53 11.85
CA VAL A 19 -3.33 -11.07 12.11
C VAL A 19 -4.06 -11.57 10.86
N GLU A 20 -4.82 -12.65 11.02
CA GLU A 20 -5.75 -13.10 9.99
C GLU A 20 -7.20 -13.03 10.48
N PHE A 21 -8.09 -12.57 9.60
CA PHE A 21 -9.52 -12.51 9.91
C PHE A 21 -10.21 -13.81 9.50
N THR A 22 -11.19 -14.24 10.28
CA THR A 22 -11.99 -15.41 9.92
C THR A 22 -13.46 -15.20 10.26
N ASN A 23 -14.31 -16.04 9.66
CA ASN A 23 -15.74 -16.03 9.96
C ASN A 23 -16.43 -14.68 9.75
N MET A 24 -16.23 -14.09 8.58
CA MET A 24 -16.80 -12.79 8.24
C MET A 24 -18.13 -12.94 7.51
N ASP A 25 -19.05 -12.00 7.74
CA ASP A 25 -20.45 -12.25 7.44
C ASP A 25 -20.86 -12.08 5.96
N ASP A 26 -21.05 -10.84 5.50
CA ASP A 26 -21.37 -10.63 4.09
C ASP A 26 -21.78 -9.20 3.71
N LYS A 27 -21.70 -8.93 2.41
CA LYS A 27 -22.45 -7.85 1.77
C LYS A 27 -22.83 -8.37 0.38
N PRO A 28 -24.11 -8.27 0.03
CA PRO A 28 -24.59 -8.81 -1.25
C PRO A 28 -24.54 -7.78 -2.36
N ASP A 34 -16.99 -2.96 -4.45
CA ASP A 34 -17.48 -2.04 -5.48
C ASP A 34 -16.57 -2.06 -6.71
N MET A 35 -17.07 -1.53 -7.82
CA MET A 35 -16.35 -1.59 -9.09
C MET A 35 -14.92 -1.07 -9.05
N PHE A 36 -14.71 0.11 -8.48
CA PHE A 36 -13.40 0.75 -8.47
C PHE A 36 -12.40 -0.01 -7.59
N THR A 37 -12.87 -0.47 -6.44
CA THR A 37 -12.05 -1.27 -5.54
C THR A 37 -11.79 -2.66 -6.13
N THR A 38 -12.85 -3.27 -6.67
CA THR A 38 -12.75 -4.57 -7.31
C THR A 38 -11.73 -4.53 -8.44
N CYS A 39 -11.72 -3.44 -9.18
CA CYS A 39 -10.82 -3.27 -10.32
C CYS A 39 -9.35 -3.27 -9.91
N VAL A 40 -9.00 -2.45 -8.93
CA VAL A 40 -7.61 -2.30 -8.50
C VAL A 40 -7.11 -3.52 -7.72
N ASP A 41 -8.03 -4.35 -7.26
CA ASP A 41 -7.67 -5.55 -6.50
C ASP A 41 -7.20 -6.72 -7.37
N ILE A 42 -7.68 -6.77 -8.61
CA ILE A 42 -7.30 -7.84 -9.54
C ILE A 42 -5.91 -7.63 -10.15
N ARG A 43 -5.25 -8.73 -10.49
CA ARG A 43 -3.90 -8.69 -11.05
C ARG A 43 -3.89 -8.23 -12.51
N TRP A 44 -2.73 -7.75 -12.97
CA TRP A 44 -2.56 -7.33 -14.34
C TRP A 44 -2.97 -8.40 -15.34
N ARG A 45 -2.24 -9.51 -15.33
CA ARG A 45 -2.44 -10.58 -16.31
C ARG A 45 -3.91 -11.00 -16.41
N TYR A 46 -4.61 -10.97 -15.28
CA TYR A 46 -6.03 -11.33 -15.27
C TYR A 46 -6.91 -10.19 -15.80
N MET A 47 -6.52 -8.96 -15.51
CA MET A 47 -7.28 -7.81 -15.99
C MET A 47 -7.09 -7.64 -17.49
N LEU A 48 -5.87 -7.93 -17.97
CA LEU A 48 -5.58 -7.86 -19.40
C LEU A 48 -6.24 -9.02 -20.13
N LEU A 49 -6.25 -10.19 -19.49
CA LEU A 49 -6.94 -11.34 -20.02
C LEU A 49 -8.43 -11.03 -20.09
N LEU A 50 -8.92 -10.35 -19.05
CA LEU A 50 -10.31 -9.95 -18.97
C LEU A 50 -10.69 -9.07 -20.15
N PHE A 51 -9.91 -8.02 -20.38
CA PHE A 51 -10.20 -7.10 -21.46
C PHE A 51 -10.11 -7.76 -22.83
N SER A 52 -9.10 -8.60 -23.04
CA SER A 52 -8.98 -9.31 -24.30
C SER A 52 -10.17 -10.24 -24.48
N LEU A 53 -10.68 -10.78 -23.38
CA LEU A 53 -11.89 -11.60 -23.42
C LEU A 53 -13.08 -10.74 -23.83
N ALA A 54 -13.14 -9.52 -23.31
CA ALA A 54 -14.23 -8.60 -23.64
C ALA A 54 -14.24 -8.29 -25.14
N PHE A 55 -13.06 -8.14 -25.72
CA PHE A 55 -12.93 -7.88 -27.15
C PHE A 55 -13.41 -9.08 -27.96
N LEU A 56 -12.86 -10.24 -27.65
CA LEU A 56 -13.23 -11.47 -28.35
C LEU A 56 -14.73 -11.68 -28.36
N VAL A 57 -15.34 -11.61 -27.19
CA VAL A 57 -16.77 -11.87 -27.05
C VAL A 57 -17.61 -10.93 -27.90
N SER A 58 -17.28 -9.64 -27.87
CA SER A 58 -18.04 -8.65 -28.64
C SER A 58 -17.76 -8.79 -30.14
N TRP A 59 -16.52 -9.09 -30.49
CA TRP A 59 -16.17 -9.35 -31.89
C TRP A 59 -16.93 -10.57 -32.41
N LEU A 60 -16.91 -11.66 -31.64
CA LEU A 60 -17.62 -12.88 -32.03
C LEU A 60 -19.14 -12.67 -32.11
N LEU A 61 -19.68 -11.93 -31.16
CA LEU A 61 -21.12 -11.69 -31.12
C LEU A 61 -21.62 -11.01 -32.40
N PHE A 62 -21.07 -9.83 -32.68
CA PHE A 62 -21.49 -9.06 -33.85
C PHE A 62 -21.17 -9.81 -35.14
N GLY A 63 -20.03 -10.49 -35.16
CA GLY A 63 -19.69 -11.35 -36.27
C GLY A 63 -20.82 -12.33 -36.54
N LEU A 64 -21.35 -12.91 -35.47
CA LEU A 64 -22.46 -13.86 -35.58
C LEU A 64 -23.69 -13.18 -36.16
N ILE A 65 -23.98 -11.98 -35.67
CA ILE A 65 -25.13 -11.22 -36.14
C ILE A 65 -25.01 -10.87 -37.63
N PHE A 66 -23.86 -10.34 -38.04
CA PHE A 66 -23.66 -10.01 -39.44
C PHE A 66 -23.74 -11.26 -40.31
N TRP A 67 -23.25 -12.38 -39.79
CA TRP A 67 -23.36 -13.65 -40.49
C TRP A 67 -24.83 -14.08 -40.68
N LEU A 68 -25.63 -13.94 -39.63
CA LEU A 68 -27.06 -14.26 -39.73
C LEU A 68 -27.76 -13.38 -40.76
N ILE A 69 -27.52 -12.09 -40.66
CA ILE A 69 -28.05 -11.12 -41.60
C ILE A 69 -27.67 -11.49 -43.03
N ALA A 70 -26.40 -11.78 -43.26
CA ALA A 70 -25.93 -12.17 -44.58
C ALA A 70 -26.61 -13.44 -45.06
N LEU A 71 -26.66 -14.44 -44.18
CA LEU A 71 -27.33 -15.70 -44.49
C LEU A 71 -28.77 -15.49 -44.96
N ILE A 72 -29.55 -14.75 -44.18
CA ILE A 72 -30.96 -14.56 -44.48
C ILE A 72 -31.17 -13.71 -45.73
N HIS A 73 -30.27 -12.76 -45.96
CA HIS A 73 -30.40 -11.87 -47.12
C HIS A 73 -30.01 -12.58 -48.42
N GLY A 74 -29.24 -13.64 -48.30
CA GLY A 74 -28.76 -14.38 -49.46
C GLY A 74 -27.40 -13.89 -49.92
N ASP A 75 -26.72 -13.15 -49.05
CA ASP A 75 -25.43 -12.55 -49.35
C ASP A 75 -24.31 -13.58 -49.51
N LEU A 76 -24.42 -14.69 -48.79
CA LEU A 76 -23.39 -15.72 -48.83
C LEU A 76 -23.17 -16.23 -50.25
N GLU A 77 -24.24 -16.24 -51.05
CA GLU A 77 -24.14 -16.69 -52.44
C GLU A 77 -23.83 -15.58 -53.45
N ASN A 78 -23.87 -14.32 -53.00
CA ASN A 78 -23.52 -13.18 -53.86
C ASN A 78 -22.81 -12.07 -53.08
N PRO A 79 -21.63 -12.36 -52.53
CA PRO A 79 -20.99 -11.45 -51.57
C PRO A 79 -20.62 -10.09 -52.16
N GLY A 80 -20.26 -10.06 -53.44
CA GLY A 80 -19.86 -8.81 -54.08
C GLY A 80 -21.04 -8.08 -54.70
N GLY A 81 -22.18 -8.76 -54.79
CA GLY A 81 -23.36 -8.16 -55.40
C GLY A 81 -23.21 -7.99 -56.89
N ASP A 82 -24.26 -7.47 -57.52
CA ASP A 82 -24.24 -7.19 -58.95
C ASP A 82 -25.27 -6.11 -59.26
N ASP A 83 -25.58 -5.93 -60.54
CA ASP A 83 -26.51 -4.90 -60.98
C ASP A 83 -27.90 -5.03 -60.34
N THR A 84 -28.39 -6.26 -60.21
CA THR A 84 -29.73 -6.49 -59.67
C THR A 84 -29.75 -6.77 -58.17
N PHE A 85 -28.59 -6.96 -57.55
CA PHE A 85 -28.54 -7.39 -56.16
C PHE A 85 -27.45 -6.71 -55.34
N LYS A 86 -27.84 -6.11 -54.22
CA LYS A 86 -26.90 -5.48 -53.29
C LYS A 86 -26.90 -6.14 -51.90
N PRO A 87 -25.76 -6.71 -51.49
CA PRO A 87 -25.61 -7.33 -50.17
C PRO A 87 -25.73 -6.30 -49.04
N CYS A 88 -26.06 -6.76 -47.84
CA CYS A 88 -26.09 -5.89 -46.66
C CYS A 88 -24.68 -5.42 -46.30
N VAL A 89 -23.73 -6.35 -46.29
CA VAL A 89 -22.32 -6.02 -46.12
C VAL A 89 -21.53 -6.71 -47.22
N LEU A 90 -20.79 -5.93 -47.99
CA LEU A 90 -20.02 -6.48 -49.09
C LEU A 90 -19.00 -7.49 -48.60
N GLN A 91 -18.84 -8.57 -49.36
CA GLN A 91 -17.78 -9.54 -49.15
C GLN A 91 -17.88 -10.36 -47.85
N VAL A 92 -19.07 -10.52 -47.29
CA VAL A 92 -19.19 -11.51 -46.23
C VAL A 92 -19.61 -12.81 -46.89
N ASN A 93 -18.63 -13.71 -47.03
CA ASN A 93 -18.85 -14.99 -47.71
C ASN A 93 -19.02 -16.18 -46.78
N GLY A 94 -18.97 -15.92 -45.48
CA GLY A 94 -19.02 -16.98 -44.48
C GLY A 94 -18.69 -16.43 -43.10
N PHE A 95 -18.61 -17.30 -42.11
CA PHE A 95 -18.42 -16.83 -40.75
C PHE A 95 -17.08 -16.13 -40.51
N VAL A 96 -16.01 -16.63 -41.13
CA VAL A 96 -14.70 -16.01 -40.97
C VAL A 96 -14.73 -14.58 -41.48
N ALA A 97 -15.35 -14.37 -42.65
CA ALA A 97 -15.47 -13.03 -43.22
C ALA A 97 -16.29 -12.12 -42.32
N ALA A 98 -17.42 -12.63 -41.84
CA ALA A 98 -18.28 -11.86 -40.93
C ALA A 98 -17.50 -11.49 -39.68
N PHE A 99 -16.70 -12.43 -39.19
CA PHE A 99 -15.88 -12.21 -38.01
C PHE A 99 -14.90 -11.08 -38.26
N LEU A 100 -14.25 -11.13 -39.42
CA LEU A 100 -13.31 -10.09 -39.79
C LEU A 100 -13.99 -8.73 -39.87
N PHE A 101 -15.16 -8.69 -40.51
CA PHE A 101 -15.88 -7.42 -40.64
C PHE A 101 -16.24 -6.85 -39.28
N SER A 102 -16.56 -7.73 -38.34
CA SER A 102 -16.86 -7.33 -36.98
C SER A 102 -15.64 -6.65 -36.34
N ILE A 103 -14.53 -7.37 -36.33
CA ILE A 103 -13.26 -6.83 -35.82
C ILE A 103 -12.93 -5.51 -36.48
N GLU A 104 -12.93 -5.50 -37.81
CA GLU A 104 -12.54 -4.33 -38.58
C GLU A 104 -13.43 -3.14 -38.25
N THR A 105 -14.67 -3.41 -37.87
CA THR A 105 -15.61 -2.36 -37.54
C THR A 105 -15.37 -1.81 -36.13
N GLN A 106 -15.24 -2.72 -35.16
CA GLN A 106 -15.15 -2.33 -33.76
C GLN A 106 -13.80 -1.69 -33.44
N THR A 107 -12.73 -2.26 -34.00
CA THR A 107 -11.40 -1.68 -33.83
C THR A 107 -11.28 -0.35 -34.57
N THR A 108 -12.16 -0.16 -35.55
CA THR A 108 -12.11 0.93 -36.52
C THR A 108 -10.92 0.87 -37.48
N ILE A 109 -10.32 -0.31 -37.62
CA ILE A 109 -9.34 -0.51 -38.68
C ILE A 109 -9.98 -0.19 -40.03
N GLY A 110 -11.11 -0.85 -40.32
CA GLY A 110 -11.87 -0.61 -41.54
C GLY A 110 -11.10 -0.71 -42.85
N TYR A 111 -10.42 -1.83 -43.09
CA TYR A 111 -9.72 -2.04 -44.36
C TYR A 111 -10.63 -1.67 -45.52
N GLY A 112 -11.88 -2.14 -45.49
CA GLY A 112 -12.87 -1.76 -46.46
C GLY A 112 -13.22 -2.78 -47.53
N PHE A 113 -12.52 -3.91 -47.59
CA PHE A 113 -12.90 -4.93 -48.56
C PHE A 113 -14.29 -5.45 -48.19
N ARG A 114 -14.44 -5.80 -46.91
CA ARG A 114 -15.76 -6.03 -46.33
C ARG A 114 -16.28 -4.67 -45.87
N CYS A 115 -17.39 -4.24 -46.45
CA CYS A 115 -17.90 -2.88 -46.24
C CYS A 115 -19.42 -2.87 -46.19
N VAL A 116 -19.99 -2.21 -45.20
CA VAL A 116 -21.45 -2.12 -45.09
C VAL A 116 -22.00 -1.27 -46.24
N THR A 117 -23.23 -1.57 -46.65
CA THR A 117 -23.90 -0.83 -47.70
C THR A 117 -25.17 -0.15 -47.16
N GLU A 118 -25.86 0.58 -48.04
CA GLU A 118 -27.09 1.28 -47.65
C GLU A 118 -28.30 0.36 -47.71
N GLU A 119 -28.08 -0.88 -48.14
CA GLU A 119 -29.17 -1.78 -48.50
C GLU A 119 -30.06 -2.20 -47.32
N CYS A 120 -29.45 -2.55 -46.19
CA CYS A 120 -30.19 -3.11 -45.05
C CYS A 120 -30.14 -2.22 -43.81
N PRO A 121 -31.31 -1.67 -43.43
CA PRO A 121 -31.44 -0.85 -42.22
C PRO A 121 -30.86 -1.56 -40.99
N LEU A 122 -31.15 -2.85 -40.85
CA LEU A 122 -30.67 -3.62 -39.71
C LEU A 122 -29.14 -3.67 -39.65
N ALA A 123 -28.51 -3.84 -40.80
CA ALA A 123 -27.05 -3.91 -40.86
C ALA A 123 -26.43 -2.58 -40.49
N VAL A 124 -27.03 -1.50 -40.99
CA VAL A 124 -26.58 -0.15 -40.66
C VAL A 124 -26.72 0.08 -39.16
N PHE A 125 -27.87 -0.36 -38.63
CA PHE A 125 -28.17 -0.24 -37.21
C PHE A 125 -27.10 -0.94 -36.40
N MET A 126 -26.79 -2.17 -36.80
CA MET A 126 -25.81 -2.98 -36.08
C MET A 126 -24.42 -2.35 -36.07
N VAL A 127 -24.07 -1.64 -37.15
CA VAL A 127 -22.78 -0.97 -37.22
C VAL A 127 -22.76 0.20 -36.26
N VAL A 128 -23.87 0.91 -36.18
CA VAL A 128 -24.01 1.99 -35.22
C VAL A 128 -23.84 1.47 -33.80
N VAL A 129 -24.61 0.43 -33.46
CA VAL A 129 -24.54 -0.17 -32.14
C VAL A 129 -23.12 -0.63 -31.77
N GLN A 130 -22.51 -1.43 -32.66
CA GLN A 130 -21.16 -1.92 -32.43
C GLN A 130 -20.15 -0.78 -32.25
N SER A 131 -20.34 0.30 -32.99
CA SER A 131 -19.47 1.47 -32.88
C SER A 131 -19.54 2.04 -31.47
N ILE A 132 -20.75 2.16 -30.96
CA ILE A 132 -20.96 2.69 -29.62
C ILE A 132 -20.37 1.75 -28.58
N VAL A 133 -20.67 0.45 -28.72
CA VAL A 133 -20.14 -0.56 -27.80
C VAL A 133 -18.61 -0.58 -27.78
N GLY A 134 -18.00 -0.67 -28.97
CA GLY A 134 -16.56 -0.65 -29.07
C GLY A 134 -15.96 0.56 -28.38
N CYS A 135 -16.67 1.68 -28.46
CA CYS A 135 -16.19 2.93 -27.89
C CYS A 135 -16.29 2.87 -26.37
N ILE A 136 -17.39 2.30 -25.88
CA ILE A 136 -17.59 2.14 -24.46
C ILE A 136 -16.55 1.21 -23.87
N ILE A 137 -16.34 0.08 -24.53
CA ILE A 137 -15.37 -0.90 -24.05
C ILE A 137 -13.98 -0.28 -23.92
N ASP A 138 -13.54 0.40 -24.98
CA ASP A 138 -12.25 1.06 -24.98
C ASP A 138 -12.08 2.01 -23.79
N SER A 139 -13.08 2.85 -23.57
CA SER A 139 -13.05 3.81 -22.48
C SER A 139 -12.91 3.15 -21.12
N PHE A 140 -13.59 2.02 -20.94
CA PHE A 140 -13.51 1.28 -19.69
C PHE A 140 -12.12 0.67 -19.50
N MET A 141 -11.50 0.28 -20.61
CA MET A 141 -10.15 -0.28 -20.56
C MET A 141 -9.12 0.79 -20.22
N ILE A 142 -9.31 1.99 -20.78
CA ILE A 142 -8.42 3.11 -20.50
C ILE A 142 -8.51 3.52 -19.03
N GLY A 143 -9.72 3.48 -18.49
CA GLY A 143 -9.94 3.86 -17.11
C GLY A 143 -9.43 2.82 -16.12
N ALA A 144 -9.75 1.56 -16.37
CA ALA A 144 -9.30 0.48 -15.49
C ALA A 144 -7.78 0.42 -15.42
N ILE A 145 -7.13 0.67 -16.55
CA ILE A 145 -5.68 0.65 -16.62
C ILE A 145 -5.06 1.78 -15.82
N MET A 146 -5.78 2.89 -15.68
CA MET A 146 -5.31 3.99 -14.83
C MET A 146 -5.57 3.71 -13.36
N ALA A 147 -6.75 3.16 -13.07
CA ALA A 147 -7.08 2.75 -11.72
C ALA A 147 -5.96 1.89 -11.14
N LYS A 148 -5.72 0.74 -11.77
CA LYS A 148 -4.65 -0.15 -11.35
C LYS A 148 -3.28 0.51 -11.47
N MET A 149 -3.20 1.54 -12.31
CA MET A 149 -1.95 2.25 -12.55
C MET A 149 -1.62 3.15 -11.36
N ALA A 150 -2.51 4.10 -11.08
CA ALA A 150 -2.28 5.09 -10.04
C ALA A 150 -2.57 4.57 -8.63
N ARG A 151 -3.02 3.33 -8.52
CA ARG A 151 -3.34 2.74 -7.23
C ARG A 151 -2.74 1.35 -7.04
N PRO A 152 -1.39 1.26 -7.01
CA PRO A 152 -0.68 -0.01 -6.86
C PRO A 152 -0.67 -0.51 -5.42
N LYS A 153 -0.64 -1.83 -5.24
CA LYS A 153 -0.58 -2.42 -3.91
C LYS A 153 0.84 -2.59 -3.38
N LYS A 154 1.81 -2.54 -4.28
CA LYS A 154 3.20 -2.86 -3.93
C LYS A 154 4.15 -1.69 -3.62
N ARG A 155 3.62 -0.47 -3.53
CA ARG A 155 4.47 0.72 -3.53
C ARG A 155 5.64 0.51 -2.58
N ALA A 156 6.85 0.73 -3.09
CA ALA A 156 8.07 0.48 -2.34
C ALA A 156 8.12 1.33 -1.08
N GLN A 157 8.44 0.72 0.05
CA GLN A 157 8.50 1.45 1.31
C GLN A 157 9.45 2.63 1.14
N THR A 158 8.97 3.82 1.44
CA THR A 158 9.80 5.01 1.31
C THR A 158 10.43 5.40 2.65
N LEU A 159 10.06 4.68 3.71
CA LEU A 159 10.51 5.04 5.06
C LEU A 159 11.17 3.87 5.77
N LEU A 160 12.25 4.17 6.48
CA LEU A 160 13.04 3.14 7.16
C LEU A 160 13.02 3.32 8.68
N PHE A 161 12.80 2.23 9.41
CA PHE A 161 12.95 2.23 10.85
C PHE A 161 14.24 1.48 11.19
N SER A 162 14.90 1.87 12.26
CA SER A 162 16.09 1.15 12.70
C SER A 162 15.73 -0.27 13.10
N HIS A 163 16.66 -1.20 12.93
CA HIS A 163 16.44 -2.59 13.31
C HIS A 163 16.16 -2.75 14.81
N ASN A 164 16.79 -1.92 15.62
CA ASN A 164 16.60 -1.96 17.06
C ASN A 164 16.12 -0.64 17.62
N ALA A 165 15.51 -0.69 18.80
CA ALA A 165 15.35 0.50 19.61
C ALA A 165 16.42 0.42 20.67
N VAL A 166 16.55 1.47 21.49
CA VAL A 166 17.57 1.46 22.53
C VAL A 166 17.11 2.27 23.73
N VAL A 167 17.72 1.98 24.88
CA VAL A 167 17.46 2.74 26.09
C VAL A 167 18.75 3.38 26.59
N ALA A 168 18.74 4.70 26.72
CA ALA A 168 19.91 5.45 27.16
C ALA A 168 19.50 6.78 27.78
N MET A 169 20.43 7.40 28.50
CA MET A 169 20.18 8.70 29.09
C MET A 169 20.35 9.80 28.04
N ARG A 170 19.38 10.72 27.98
CA ARG A 170 19.59 11.95 27.25
C ARG A 170 19.07 13.15 28.02
N ASP A 171 19.96 14.11 28.28
CA ASP A 171 19.59 15.30 29.04
C ASP A 171 18.93 14.95 30.37
N GLY A 172 19.61 14.10 31.14
CA GLY A 172 19.17 13.75 32.49
C GLY A 172 18.00 12.80 32.56
N LYS A 173 17.54 12.32 31.42
CA LYS A 173 16.35 11.46 31.39
C LYS A 173 16.59 10.13 30.69
N LEU A 174 16.08 9.05 31.28
CA LEU A 174 16.16 7.73 30.68
C LEU A 174 15.13 7.61 29.56
N CYS A 175 15.58 7.26 28.36
CA CYS A 175 14.71 7.30 27.18
C CYS A 175 14.71 6.01 26.36
N LEU A 176 13.55 5.72 25.77
CA LEU A 176 13.46 4.71 24.73
C LEU A 176 13.62 5.44 23.41
N MET A 177 14.49 4.93 22.54
CA MET A 177 14.83 5.62 21.31
C MET A 177 14.86 4.69 20.10
N TRP A 178 14.38 5.19 18.97
CA TRP A 178 14.50 4.48 17.71
C TRP A 178 14.64 5.49 16.60
N ARG A 179 15.19 5.05 15.48
CA ARG A 179 15.55 5.96 14.41
C ARG A 179 14.67 5.76 13.18
N VAL A 180 14.24 6.87 12.57
CA VAL A 180 13.47 6.83 11.33
C VAL A 180 14.19 7.60 10.25
N GLY A 181 13.98 7.20 9.00
CA GLY A 181 14.65 7.85 7.89
C GLY A 181 13.87 7.78 6.60
N ASN A 182 14.14 8.73 5.73
CA ASN A 182 13.51 8.82 4.42
C ASN A 182 14.50 8.30 3.38
N LEU A 183 14.13 7.27 2.64
CA LEU A 183 15.02 6.70 1.61
C LEU A 183 15.08 7.54 0.33
N ARG A 184 14.22 8.55 0.23
CA ARG A 184 14.18 9.41 -0.95
C ARG A 184 14.46 10.87 -0.61
N LYS A 185 14.91 11.63 -1.60
CA LYS A 185 15.09 13.07 -1.45
C LYS A 185 13.75 13.76 -1.32
N SER A 186 12.69 13.07 -1.76
CA SER A 186 11.33 13.56 -1.62
C SER A 186 10.96 13.73 -0.14
N HIS A 187 10.09 14.68 0.16
CA HIS A 187 9.76 14.99 1.55
C HIS A 187 8.48 14.30 2.02
N ILE A 188 8.18 14.47 3.30
CA ILE A 188 6.94 14.00 3.87
C ILE A 188 6.26 15.17 4.54
N VAL A 189 5.07 15.52 4.04
CA VAL A 189 4.35 16.68 4.52
C VAL A 189 3.54 16.30 5.76
N GLU A 190 3.57 17.17 6.76
CA GLU A 190 2.83 16.95 7.99
C GLU A 190 3.11 15.56 8.56
N ALA A 191 4.39 15.20 8.58
CA ALA A 191 4.82 13.92 9.13
C ALA A 191 4.71 13.94 10.65
N HIS A 192 4.30 12.83 11.23
CA HIS A 192 4.22 12.73 12.68
C HIS A 192 4.35 11.27 13.11
N VAL A 193 4.75 11.06 14.36
CA VAL A 193 5.06 9.71 14.83
C VAL A 193 4.21 9.27 16.01
N ARG A 194 4.09 7.96 16.18
CA ARG A 194 3.35 7.38 17.28
C ARG A 194 4.02 6.09 17.69
N ALA A 195 3.73 5.64 18.90
CA ALA A 195 4.21 4.34 19.36
C ALA A 195 3.24 3.72 20.36
N GLN A 196 3.19 2.39 20.38
CA GLN A 196 2.33 1.66 21.28
C GLN A 196 3.03 0.46 21.91
N LEU A 197 2.76 0.22 23.18
CA LEU A 197 3.18 -1.01 23.82
C LEU A 197 2.04 -2.03 23.71
N ILE A 198 2.34 -3.18 23.11
CA ILE A 198 1.34 -4.22 22.89
C ILE A 198 1.58 -5.40 23.82
N LYS A 199 0.67 -5.61 24.76
CA LYS A 199 0.67 -6.82 25.56
C LYS A 199 -0.73 -7.20 25.99
N PRO A 200 -0.97 -8.49 26.27
CA PRO A 200 -2.25 -8.87 26.87
C PRO A 200 -2.28 -8.41 28.31
N ARG A 201 -3.47 -8.17 28.85
CA ARG A 201 -3.58 -7.83 30.25
C ARG A 201 -4.96 -8.12 30.82
N ILE A 202 -5.02 -8.25 32.14
CA ILE A 202 -6.27 -8.47 32.84
C ILE A 202 -6.58 -7.28 33.72
N THR A 203 -7.75 -6.68 33.52
CA THR A 203 -8.16 -5.53 34.31
C THR A 203 -8.45 -5.98 35.74
N GLU A 204 -8.43 -5.04 36.67
CA GLU A 204 -8.69 -5.36 38.07
C GLU A 204 -10.06 -6.02 38.26
N GLU A 205 -10.95 -5.83 37.29
CA GLU A 205 -12.29 -6.42 37.34
C GLU A 205 -12.31 -7.83 36.75
N GLY A 206 -11.16 -8.31 36.29
CA GLY A 206 -11.05 -9.66 35.80
C GLY A 206 -11.26 -9.84 34.30
N GLU A 207 -11.37 -8.72 33.58
CA GLU A 207 -11.57 -8.79 32.14
C GLU A 207 -10.25 -9.00 31.41
N TYR A 208 -10.22 -10.00 30.54
CA TYR A 208 -9.03 -10.31 29.76
C TYR A 208 -9.00 -9.54 28.44
N ILE A 209 -7.93 -8.77 28.23
CA ILE A 209 -7.73 -8.08 26.95
C ILE A 209 -6.58 -8.76 26.21
N PRO A 210 -6.90 -9.54 25.17
CA PRO A 210 -5.92 -10.37 24.47
C PRO A 210 -4.68 -9.60 24.02
N LEU A 211 -4.87 -8.45 23.39
CA LEU A 211 -3.76 -7.52 23.18
C LEU A 211 -4.23 -6.10 23.48
N ASP A 212 -3.67 -5.49 24.52
CA ASP A 212 -4.01 -4.12 24.85
C ASP A 212 -3.03 -3.20 24.15
N GLN A 213 -3.53 -2.08 23.64
CA GLN A 213 -2.67 -1.14 22.92
C GLN A 213 -2.53 0.12 23.73
N ILE A 214 -1.33 0.33 24.28
CA ILE A 214 -1.09 1.41 25.23
C ILE A 214 -0.14 2.45 24.67
N ASP A 215 -0.62 3.68 24.60
CA ASP A 215 0.13 4.77 24.00
C ASP A 215 1.50 4.97 24.66
N ILE A 216 2.50 5.17 23.83
CA ILE A 216 3.82 5.55 24.28
C ILE A 216 4.03 7.01 23.88
N ASP A 217 4.28 7.88 24.86
CA ASP A 217 4.24 9.30 24.62
C ASP A 217 5.51 9.74 23.90
N VAL A 218 5.31 10.18 22.65
CA VAL A 218 6.36 10.76 21.82
C VAL A 218 6.31 12.28 21.65
N GLY A 219 5.51 12.96 22.47
CA GLY A 219 5.42 14.41 22.45
C GLY A 219 4.15 15.05 21.90
N PHE A 220 3.13 14.23 21.69
CA PHE A 220 1.87 14.70 21.13
C PHE A 220 1.29 15.97 21.76
N ASP A 221 1.38 16.08 23.08
CA ASP A 221 0.76 17.19 23.78
C ASP A 221 1.44 18.53 23.53
N LYS A 222 2.72 18.49 23.20
CA LYS A 222 3.43 19.72 22.84
C LYS A 222 3.59 19.90 21.33
N GLY A 223 3.06 18.95 20.56
CA GLY A 223 3.19 18.98 19.12
C GLY A 223 4.55 18.48 18.65
N LEU A 224 5.33 17.93 19.57
CA LEU A 224 6.68 17.47 19.28
C LEU A 224 6.72 16.08 18.64
N ASP A 225 5.56 15.47 18.48
CA ASP A 225 5.44 14.25 17.71
C ASP A 225 5.49 14.57 16.21
N ARG A 226 5.40 15.86 15.90
CA ARG A 226 5.44 16.33 14.52
C ARG A 226 6.89 16.55 14.12
N ILE A 227 7.29 15.94 13.01
CA ILE A 227 8.70 16.00 12.66
C ILE A 227 8.94 16.55 11.25
N PHE A 228 10.07 17.22 11.09
CA PHE A 228 10.50 17.68 9.78
C PHE A 228 11.65 16.76 9.42
N LEU A 229 11.38 15.84 8.51
CA LEU A 229 12.30 14.72 8.26
C LEU A 229 13.11 14.93 6.99
N VAL A 230 14.40 15.21 7.15
CA VAL A 230 15.29 15.33 6.01
C VAL A 230 16.34 14.24 6.13
N SER A 231 17.26 14.41 7.07
CA SER A 231 18.18 13.35 7.45
C SER A 231 17.55 12.53 8.57
N PRO A 232 18.01 11.28 8.74
CA PRO A 232 17.40 10.41 9.74
C PRO A 232 17.29 11.09 11.10
N ILE A 233 16.20 10.83 11.81
CA ILE A 233 15.95 11.44 13.10
C ILE A 233 15.76 10.36 14.16
N THR A 234 16.23 10.64 15.37
CA THR A 234 16.07 9.70 16.47
C THR A 234 14.82 10.09 17.30
N ILE A 235 13.81 9.23 17.26
CA ILE A 235 12.58 9.47 18.02
C ILE A 235 12.80 9.16 19.51
N LEU A 236 12.26 10.02 20.38
CA LEU A 236 12.49 9.91 21.82
C LEU A 236 11.22 9.70 22.63
N HIS A 237 11.24 8.69 23.47
CA HIS A 237 10.23 8.50 24.51
C HIS A 237 10.87 8.64 25.88
N GLU A 238 10.57 9.73 26.58
CA GLU A 238 11.02 9.87 27.96
C GLU A 238 10.23 8.90 28.83
N ILE A 239 10.95 8.08 29.59
CA ILE A 239 10.30 7.11 30.46
C ILE A 239 10.09 7.75 31.83
N ASN A 240 8.83 8.00 32.17
CA ASN A 240 8.49 8.69 33.40
C ASN A 240 7.26 8.07 34.07
N GLU A 241 6.74 8.70 35.12
CA GLU A 241 5.61 8.16 35.86
C GLU A 241 4.52 7.63 34.95
N ASP A 242 4.26 8.37 33.87
CA ASP A 242 3.12 8.08 32.98
C ASP A 242 3.47 7.08 31.89
N SER A 243 4.73 6.64 31.85
CA SER A 243 5.15 5.67 30.84
C SER A 243 4.86 4.25 31.29
N PRO A 244 4.48 3.39 30.34
CA PRO A 244 4.26 1.96 30.59
C PRO A 244 5.57 1.26 30.90
N LEU A 245 6.69 1.89 30.55
CA LEU A 245 8.01 1.32 30.76
C LEU A 245 8.65 1.82 32.05
N PHE A 246 7.90 2.62 32.80
CA PHE A 246 8.41 3.26 34.00
C PHE A 246 9.08 2.28 34.96
N GLY A 247 8.48 1.11 35.11
CA GLY A 247 8.96 0.15 36.09
C GLY A 247 9.91 -0.89 35.54
N ILE A 248 10.31 -0.73 34.28
CA ILE A 248 11.13 -1.74 33.61
C ILE A 248 12.63 -1.45 33.66
N SER A 249 13.38 -2.39 34.22
CA SER A 249 14.84 -2.26 34.30
C SER A 249 15.49 -3.07 33.18
N ARG A 250 16.81 -3.03 33.11
CA ARG A 250 17.53 -3.76 32.08
C ARG A 250 17.31 -5.27 32.22
N GLN A 251 17.25 -5.75 33.45
CA GLN A 251 17.06 -7.17 33.70
C GLN A 251 15.63 -7.61 33.40
N ASP A 252 14.68 -6.72 33.67
CA ASP A 252 13.28 -7.00 33.34
C ASP A 252 13.13 -7.23 31.85
N LEU A 253 14.00 -6.59 31.08
CA LEU A 253 13.94 -6.63 29.62
C LEU A 253 14.20 -8.03 29.06
N GLU A 254 15.11 -8.77 29.70
CA GLU A 254 15.48 -10.10 29.21
C GLU A 254 14.50 -11.15 29.68
N THR A 255 13.54 -10.70 30.49
CA THR A 255 12.47 -11.54 31.01
C THR A 255 11.16 -11.20 30.31
N ASP A 256 10.77 -9.93 30.41
CA ASP A 256 9.45 -9.46 29.96
C ASP A 256 9.10 -9.90 28.56
N ASP A 257 7.81 -10.15 28.36
CA ASP A 257 7.25 -10.43 27.06
C ASP A 257 6.37 -9.26 26.68
N PHE A 258 6.85 -8.43 25.75
CA PHE A 258 6.02 -7.36 25.21
C PHE A 258 6.57 -6.86 23.88
N GLU A 259 5.83 -5.96 23.26
CA GLU A 259 6.13 -5.50 21.91
C GLU A 259 5.85 -4.02 21.79
N ILE A 260 6.71 -3.31 21.08
CA ILE A 260 6.47 -1.91 20.84
C ILE A 260 6.30 -1.65 19.35
N VAL A 261 5.13 -1.11 18.99
CA VAL A 261 4.85 -0.77 17.61
C VAL A 261 5.14 0.71 17.37
N VAL A 262 5.91 0.99 16.32
CA VAL A 262 6.22 2.38 15.99
C VAL A 262 5.59 2.76 14.66
N ILE A 263 5.04 3.98 14.62
CA ILE A 263 4.35 4.45 13.43
C ILE A 263 4.90 5.79 12.99
N LEU A 264 4.97 5.98 11.68
CA LEU A 264 5.24 7.28 11.09
C LEU A 264 4.18 7.55 10.03
N GLU A 265 3.42 8.62 10.22
CA GLU A 265 2.40 8.99 9.23
C GLU A 265 2.72 10.33 8.58
N GLY A 266 2.32 10.48 7.32
CA GLY A 266 2.49 11.73 6.62
C GLY A 266 2.09 11.65 5.17
N MET A 267 2.10 12.80 4.51
CA MET A 267 1.73 12.89 3.11
C MET A 267 3.02 12.83 2.29
N VAL A 268 3.22 11.74 1.56
CA VAL A 268 4.45 11.58 0.80
C VAL A 268 4.37 12.37 -0.49
N GLU A 269 5.30 13.31 -0.68
CA GLU A 269 5.28 14.20 -1.83
C GLU A 269 5.51 13.46 -3.15
N ALA A 270 6.09 12.26 -3.05
CA ALA A 270 6.30 11.42 -4.21
C ALA A 270 5.00 10.75 -4.68
N THR A 271 4.44 9.91 -3.81
CA THR A 271 3.24 9.14 -4.13
C THR A 271 1.95 9.98 -4.05
N ALA A 272 2.05 11.18 -3.49
CA ALA A 272 0.91 12.09 -3.36
C ALA A 272 -0.16 11.62 -2.37
N MET A 273 0.04 10.44 -1.77
CA MET A 273 -0.96 9.86 -0.87
C MET A 273 -0.49 9.79 0.58
N THR A 274 -1.43 9.91 1.50
CA THR A 274 -1.11 9.83 2.92
C THR A 274 -0.64 8.41 3.25
N THR A 275 0.46 8.33 3.99
CA THR A 275 1.15 7.06 4.22
C THR A 275 1.29 6.71 5.70
N GLN A 276 1.18 5.43 6.01
CA GLN A 276 1.50 4.93 7.33
C GLN A 276 2.63 3.91 7.25
N ALA A 277 3.81 4.28 7.73
CA ALA A 277 4.92 3.34 7.81
C ALA A 277 4.96 2.74 9.22
N ARG A 278 5.17 1.43 9.27
CA ARG A 278 5.12 0.70 10.52
C ARG A 278 6.35 -0.16 10.76
N SER A 279 6.69 -0.33 12.02
CA SER A 279 7.63 -1.38 12.43
C SER A 279 7.36 -1.83 13.86
N SER A 280 8.22 -2.71 14.36
CA SER A 280 8.00 -3.31 15.67
C SER A 280 9.31 -3.65 16.36
N TYR A 281 9.32 -3.51 17.69
CA TYR A 281 10.44 -3.96 18.50
C TYR A 281 9.93 -4.86 19.61
N LEU A 282 10.37 -6.12 19.60
CA LEU A 282 10.13 -7.01 20.72
C LEU A 282 10.98 -6.56 21.89
N ALA A 283 10.60 -6.95 23.10
CA ALA A 283 11.39 -6.66 24.28
C ALA A 283 12.84 -7.10 24.05
N SER A 284 13.01 -8.22 23.37
CA SER A 284 14.34 -8.77 23.09
C SER A 284 15.12 -7.98 22.03
N GLU A 285 14.42 -7.13 21.29
CA GLU A 285 15.05 -6.36 20.23
C GLU A 285 15.43 -4.94 20.70
N ILE A 286 15.19 -4.65 21.97
CA ILE A 286 15.56 -3.36 22.55
C ILE A 286 16.92 -3.47 23.21
N LEU A 287 17.83 -2.57 22.85
CA LEU A 287 19.20 -2.63 23.37
C LEU A 287 19.43 -1.63 24.48
N TRP A 288 19.55 -2.13 25.71
CA TRP A 288 19.70 -1.29 26.88
C TRP A 288 21.13 -0.78 27.01
N GLY A 289 21.28 0.51 27.28
CA GLY A 289 22.60 1.10 27.42
C GLY A 289 23.33 1.20 26.10
N HIS A 290 22.58 1.56 25.06
CA HIS A 290 23.13 1.74 23.72
C HIS A 290 22.70 3.09 23.14
N ARG A 291 23.44 3.54 22.13
CA ARG A 291 23.12 4.76 21.41
C ARG A 291 23.41 4.55 19.93
N PHE A 292 22.66 5.21 19.06
CA PHE A 292 22.87 5.07 17.61
C PHE A 292 24.14 5.79 17.15
N GLU A 293 24.84 5.17 16.19
CA GLU A 293 25.96 5.83 15.53
C GLU A 293 25.43 6.98 14.70
N PRO A 294 26.12 8.13 14.71
CA PRO A 294 25.65 9.27 13.92
C PRO A 294 25.75 8.99 12.43
N VAL A 295 24.68 9.23 11.69
CA VAL A 295 24.70 9.05 10.24
C VAL A 295 24.99 10.34 9.47
N LEU A 296 24.92 11.48 10.17
CA LEU A 296 25.01 12.77 9.51
C LEU A 296 26.38 13.41 9.65
N PHE A 297 26.93 13.88 8.53
CA PHE A 297 28.26 14.49 8.54
C PHE A 297 28.32 15.69 7.60
N GLU A 298 29.01 16.73 8.05
CA GLU A 298 29.16 17.94 7.26
C GLU A 298 30.50 17.94 6.55
N GLU A 299 30.47 18.01 5.22
CA GLU A 299 31.70 18.17 4.47
C GLU A 299 31.70 19.52 3.76
N LYS A 300 32.45 20.48 4.29
CA LYS A 300 32.60 21.78 3.64
C LYS A 300 31.24 22.35 3.21
N ASN A 301 31.07 22.53 1.91
CA ASN A 301 29.87 23.15 1.35
C ASN A 301 28.54 22.43 1.55
N GLN A 302 28.56 21.22 2.10
CA GLN A 302 27.35 20.38 2.07
C GLN A 302 27.25 19.33 3.18
N TYR A 303 26.02 18.89 3.48
CA TYR A 303 25.79 17.83 4.46
C TYR A 303 25.55 16.49 3.78
N LYS A 304 26.03 15.42 4.39
CA LYS A 304 25.88 14.09 3.83
C LYS A 304 25.37 13.11 4.89
N VAL A 305 24.61 12.12 4.44
CA VAL A 305 24.16 11.06 5.33
C VAL A 305 24.76 9.74 4.87
N ASP A 306 25.40 9.04 5.81
CA ASP A 306 25.95 7.73 5.51
C ASP A 306 25.02 6.68 6.07
N TYR A 307 24.30 6.00 5.19
CA TYR A 307 23.22 5.10 5.60
C TYR A 307 23.69 3.73 6.08
N SER A 308 24.99 3.47 5.91
CA SER A 308 25.56 2.22 6.40
C SER A 308 25.72 2.26 7.91
N HIS A 309 25.58 3.45 8.50
CA HIS A 309 25.60 3.58 9.95
C HIS A 309 24.19 3.60 10.54
N PHE A 310 23.19 3.53 9.68
CA PHE A 310 21.80 3.72 10.09
C PHE A 310 21.37 2.81 11.24
N HIS A 311 21.69 1.53 11.13
CA HIS A 311 21.23 0.55 12.11
C HIS A 311 22.20 0.34 13.27
N LYS A 312 23.38 0.95 13.16
CA LYS A 312 24.47 0.65 14.09
C LYS A 312 24.38 1.39 15.43
N THR A 313 24.85 0.72 16.48
CA THR A 313 24.80 1.26 17.84
C THR A 313 26.10 0.97 18.59
N TYR A 314 26.32 1.72 19.67
CA TYR A 314 27.48 1.49 20.52
C TYR A 314 27.07 1.55 21.99
N GLU A 315 27.84 0.85 22.83
CA GLU A 315 27.50 0.73 24.25
C GLU A 315 27.86 1.99 25.04
N VAL A 316 27.00 2.33 25.98
CA VAL A 316 27.27 3.42 26.92
C VAL A 316 27.20 2.86 28.34
N PRO A 317 28.30 2.26 28.79
CA PRO A 317 28.38 1.54 30.07
C PRO A 317 27.94 2.38 31.27
N SER A 318 28.01 3.70 31.18
CA SER A 318 27.61 4.58 32.28
C SER A 318 26.09 4.64 32.43
N THR A 319 25.37 4.08 31.46
CA THR A 319 23.91 4.00 31.55
C THR A 319 23.49 3.21 32.79
N PRO A 320 22.56 3.77 33.58
CA PRO A 320 22.03 3.07 34.75
C PRO A 320 21.25 1.82 34.33
N ARG A 321 21.37 0.74 35.09
CA ARG A 321 20.69 -0.51 34.77
C ARG A 321 19.34 -0.68 35.48
N CYS A 322 19.07 0.19 36.45
CA CYS A 322 17.77 0.19 37.11
C CYS A 322 16.70 0.88 36.28
N SER A 323 15.43 0.63 36.62
CA SER A 323 14.30 1.28 35.97
C SER A 323 14.22 2.78 36.30
N ALA A 324 13.46 3.50 35.48
CA ALA A 324 13.25 4.92 35.69
C ALA A 324 12.62 5.19 37.05
N LYS A 325 11.72 4.31 37.46
CA LYS A 325 11.07 4.43 38.77
C LYS A 325 12.09 4.32 39.90
N ASP A 326 13.03 3.38 39.77
CA ASP A 326 14.10 3.27 40.75
C ASP A 326 14.95 4.53 40.72
N LEU A 327 15.23 5.01 39.52
CA LEU A 327 16.03 6.21 39.33
C LEU A 327 15.42 7.39 40.09
N VAL A 328 14.12 7.59 39.93
CA VAL A 328 13.43 8.66 40.63
C VAL A 328 13.45 8.42 42.13
N GLU A 329 12.95 7.25 42.54
CA GLU A 329 12.83 6.93 43.95
C GLU A 329 14.16 7.05 44.70
N ASN A 330 15.25 6.77 44.01
CA ASN A 330 16.56 6.83 44.65
C ASN A 330 16.99 8.27 44.94
N LYS A 331 16.62 9.19 44.05
CA LYS A 331 16.88 10.60 44.29
C LYS A 331 16.20 11.05 45.57
N PHE A 332 14.92 10.70 45.72
CA PHE A 332 14.17 11.05 46.91
C PHE A 332 14.70 10.32 48.14
N LEU A 333 15.36 9.18 47.93
CA LEU A 333 15.95 8.45 49.04
C LEU A 333 17.25 9.11 49.49
N LEU A 334 18.10 9.51 48.54
CA LEU A 334 19.18 10.38 48.95
C LEU A 334 18.73 11.77 48.56
N SER A 335 17.96 12.36 49.47
CA SER A 335 17.76 13.78 49.63
C SER A 335 17.61 13.87 51.14
N ASN A 336 16.55 13.22 51.59
CA ASN A 336 16.10 13.19 52.98
C ASN A 336 17.15 12.71 53.97
N SER A 337 18.17 12.01 53.49
CA SER A 337 19.25 11.54 54.35
C SER A 337 20.60 11.95 53.79
K K B . -10.02 1.70 -45.85
K K C . -9.77 2.49 -42.95
K K D . -9.52 3.25 -40.12
K K E . -9.26 4.06 -37.12
K K F . -5.57 15.52 5.30
K K G . -3.93 20.60 24.09
O1 P8P H . 1.63 -8.17 -11.83
P1 P8P H . 1.70 -9.32 -12.96
P2 P8P H . 0.63 -8.27 -10.56
O11 P8P H . 2.77 -10.32 -12.58
O12 P8P H . 0.30 -9.80 -13.24
O13 P8P H . 2.23 -8.47 -14.21
C1A P8P H . 2.66 -5.54 -16.71
O1A P8P H . 3.46 -4.79 -16.18
C1B P8P H . 1.21 -10.57 -18.77
O1B P8P H . 0.02 -10.35 -18.60
C1C P8P H . 2.63 -9.05 -15.45
O21 P8P H . 0.87 -6.98 -9.81
O22 P8P H . 1.09 -9.52 -9.84
O23 P8P H . -0.74 -8.38 -11.18
C2A P8P H . 2.11 -5.21 -18.08
C2B P8P H . 1.66 -11.75 -19.59
C2C P8P H . 2.68 -7.98 -16.53
O2C P8P H . 2.24 -6.73 -15.97
C3A P8P H . 2.68 -3.87 -18.54
C3B P8P H . 1.75 -12.99 -18.70
C3C P8P H . 1.76 -8.41 -17.67
O3C P8P H . 2.19 -9.68 -18.15
C4A P8P H . 2.26 -3.56 -19.97
C4B P8P H . 1.99 -14.24 -19.53
C5A P8P H . 3.01 -2.34 -20.51
C6A P8P H . 2.72 -2.16 -22.00
C7A P8P H . 3.43 -0.93 -22.56
C8A P8P H . 4.94 -1.08 -22.51
#